data_4C8Y
#
_entry.id   4C8Y
#
_cell.length_a   43.070
_cell.length_b   83.300
_cell.length_c   73.440
_cell.angle_alpha   90.00
_cell.angle_beta   101.41
_cell.angle_gamma   90.00
#
_symmetry.space_group_name_H-M   'P 1 21 1'
#
loop_
_entity.id
_entity.type
_entity.pdbx_description
1 polymer 'CRISPR-associated protein Cas6 C-terminal domain-containing protein'
2 polymer 'R1 REPEAT RNA SUBSTRATE MIMIC'
3 non-polymer 'SULFATE ION'
4 water water
#
loop_
_entity_poly.entity_id
_entity_poly.type
_entity_poly.pdbx_seq_one_letter_code
_entity_poly.pdbx_strand_id
1 'polypeptide(L)'
;GAASMVLAALVLVLEGEGLPEPLGLRGFFYGLLREVAPEVHDQGENPFALGFGGREGAAWARVSLLVEGLYARLAPRLYA
LEGEEVRLGPPFRVRAVLQEGHPWAGVSTYPRLFQGPPSRDLALRFASPTFFRRKGVHYPVPEPRLVLESLLRRLEAFGP
LKAPEGVREALLERTTVRSLEGRTLPARTEVDTAGFVGRVVYHLPRATEEEALWLSALGRFAFYSGVGAKTSLGYGRARA
ESA
;
A,B
2 'polyribonucleotide' AGCCCCGUAAGGG(DG)AU C
#
# COMPACT_ATOMS: atom_id res chain seq x y z
N MET A 5 30.93 -2.53 -15.21
CA MET A 5 30.41 -1.21 -14.74
C MET A 5 29.12 -0.82 -15.44
N VAL A 6 28.96 -1.23 -16.69
CA VAL A 6 27.81 -0.79 -17.49
C VAL A 6 26.48 -1.38 -17.03
N LEU A 7 25.44 -0.55 -17.11
CA LEU A 7 24.06 -0.99 -16.95
C LEU A 7 23.38 -0.61 -18.22
N ALA A 8 22.55 -1.51 -18.74
CA ALA A 8 21.86 -1.20 -19.98
C ALA A 8 20.43 -1.70 -19.99
N ALA A 9 19.53 -0.87 -20.51
CA ALA A 9 18.15 -1.27 -20.75
C ALA A 9 17.87 -0.92 -22.20
N LEU A 10 17.66 -1.96 -23.01
CA LEU A 10 17.42 -1.78 -24.43
C LEU A 10 15.97 -2.09 -24.73
N VAL A 11 15.37 -1.22 -25.54
CA VAL A 11 13.95 -1.34 -25.88
C VAL A 11 13.80 -1.82 -27.31
N LEU A 12 13.03 -2.90 -27.48
CA LEU A 12 12.63 -3.38 -28.79
C LEU A 12 11.29 -2.76 -29.18
N VAL A 13 11.35 -1.91 -30.20
CA VAL A 13 10.15 -1.33 -30.80
C VAL A 13 9.55 -2.37 -31.74
N LEU A 14 8.27 -2.68 -31.54
CA LEU A 14 7.65 -3.84 -32.15
C LEU A 14 6.57 -3.48 -33.16
N GLU A 15 6.51 -4.23 -34.26
CA GLU A 15 5.42 -4.11 -35.23
C GLU A 15 4.58 -5.38 -35.22
N GLY A 16 3.28 -5.19 -35.11
CA GLY A 16 2.35 -6.31 -34.99
C GLY A 16 1.25 -5.91 -34.03
N GLU A 17 0.28 -6.79 -33.84
CA GLU A 17 -0.88 -6.49 -32.98
C GLU A 17 -0.73 -7.10 -31.61
N GLY A 18 -1.46 -6.53 -30.65
CA GLY A 18 -1.41 -6.99 -29.27
C GLY A 18 -0.11 -6.56 -28.62
N LEU A 19 0.14 -7.12 -27.44
CA LEU A 19 1.35 -6.83 -26.68
C LEU A 19 2.13 -8.11 -26.44
N PRO A 20 3.42 -7.99 -26.11
CA PRO A 20 4.17 -9.17 -25.70
C PRO A 20 3.50 -9.83 -24.51
N GLU A 21 3.61 -11.15 -24.43
CA GLU A 21 3.11 -11.88 -23.27
C GLU A 21 4.31 -12.25 -22.39
N PRO A 22 4.17 -12.07 -21.06
CA PRO A 22 5.26 -12.33 -20.12
C PRO A 22 6.03 -13.62 -20.39
N LEU A 23 5.32 -14.74 -20.46
CA LEU A 23 5.96 -16.05 -20.62
C LEU A 23 6.70 -16.18 -21.96
N GLY A 24 6.10 -15.65 -23.01
CA GLY A 24 6.71 -15.67 -24.33
C GLY A 24 7.94 -14.80 -24.42
N LEU A 25 7.87 -13.63 -23.79
CA LEU A 25 8.99 -12.72 -23.72
C LEU A 25 10.16 -13.39 -22.99
N ARG A 26 9.84 -13.95 -21.82
CA ARG A 26 10.88 -14.64 -21.05
C ARG A 26 11.47 -15.82 -21.81
N GLY A 27 10.62 -16.60 -22.48
CA GLY A 27 11.09 -17.71 -23.28
C GLY A 27 12.02 -17.26 -24.40
N PHE A 28 11.59 -16.22 -25.11
CA PHE A 28 12.42 -15.61 -26.15
C PHE A 28 13.77 -15.17 -25.60
N PHE A 29 13.76 -14.49 -24.46
CA PHE A 29 14.99 -14.03 -23.83
C PHE A 29 15.91 -15.19 -23.45
N TYR A 30 15.36 -16.16 -22.73
CA TYR A 30 16.17 -17.30 -22.27
C TYR A 30 16.67 -18.12 -23.46
N GLY A 31 15.91 -18.11 -24.55
CA GLY A 31 16.34 -18.74 -25.79
C GLY A 31 17.64 -18.19 -26.33
N LEU A 32 17.85 -16.89 -26.17
CA LEU A 32 19.08 -16.24 -26.62
C LEU A 32 20.30 -16.60 -25.79
N LEU A 33 20.06 -17.02 -24.55
CA LEU A 33 21.14 -17.26 -23.60
C LEU A 33 21.57 -18.72 -23.47
N ARG A 34 20.66 -19.64 -23.77
CA ARG A 34 20.92 -21.06 -23.56
C ARG A 34 22.18 -21.49 -24.30
N GLU A 35 22.59 -20.65 -25.24
CA GLU A 35 23.86 -20.77 -25.94
C GLU A 35 24.98 -20.27 -25.03
N VAL A 36 24.83 -18.99 -24.68
CA VAL A 36 25.95 -18.12 -24.37
C VAL A 36 25.98 -17.76 -22.90
N ALA A 37 24.90 -18.08 -22.20
CA ALA A 37 24.84 -17.94 -20.77
C ALA A 37 23.80 -18.91 -20.21
N PRO A 38 24.05 -20.23 -20.35
CA PRO A 38 23.17 -21.27 -19.82
C PRO A 38 22.95 -21.19 -18.32
N GLU A 39 23.85 -20.50 -17.64
CA GLU A 39 23.95 -20.59 -16.19
C GLU A 39 22.98 -19.63 -15.50
N VAL A 40 22.55 -18.61 -16.22
CA VAL A 40 21.76 -17.56 -15.62
C VAL A 40 20.37 -18.02 -15.21
N HIS A 41 19.89 -19.08 -15.85
CA HIS A 41 18.58 -19.60 -15.53
C HIS A 41 18.51 -20.09 -14.09
N ASP A 42 19.56 -20.77 -13.64
CA ASP A 42 19.56 -21.40 -12.32
C ASP A 42 19.99 -20.45 -11.20
N GLN A 43 20.62 -19.33 -11.53
CA GLN A 43 21.10 -18.42 -10.48
C GLN A 43 19.95 -17.76 -9.75
N GLY A 44 20.14 -17.60 -8.45
CA GLY A 44 19.09 -17.15 -7.56
C GLY A 44 18.80 -15.67 -7.63
N GLU A 45 19.77 -14.88 -8.10
CA GLU A 45 19.58 -13.45 -8.30
C GLU A 45 19.81 -13.14 -9.78
N ASN A 46 18.75 -12.74 -10.47
CA ASN A 46 18.84 -12.47 -11.91
C ASN A 46 19.67 -11.21 -12.20
N PRO A 47 20.69 -11.33 -13.08
CA PRO A 47 21.48 -10.19 -13.58
C PRO A 47 20.79 -9.51 -14.76
N PHE A 48 19.46 -9.63 -14.80
CA PHE A 48 18.69 -9.01 -15.87
C PHE A 48 17.27 -8.74 -15.41
N ALA A 49 16.52 -8.02 -16.23
CA ALA A 49 15.09 -7.85 -16.02
C ALA A 49 14.42 -7.58 -17.35
N LEU A 50 13.21 -8.09 -17.52
CA LEU A 50 12.47 -7.89 -18.76
C LEU A 50 11.28 -7.01 -18.52
N GLY A 51 10.84 -6.35 -19.58
CA GLY A 51 9.61 -5.57 -19.48
C GLY A 51 8.94 -5.44 -20.83
N PHE A 52 7.74 -4.87 -20.80
CA PHE A 52 7.01 -4.60 -22.02
C PHE A 52 5.93 -3.58 -21.74
N GLY A 53 5.51 -2.87 -22.78
CA GLY A 53 4.46 -1.90 -22.63
C GLY A 53 3.97 -1.32 -23.93
N GLY A 54 3.27 -0.20 -23.83
CA GLY A 54 2.78 0.53 -24.97
C GLY A 54 1.31 0.28 -25.24
N ARG A 55 0.73 1.10 -26.12
CA ARG A 55 -0.65 0.92 -26.53
C ARG A 55 -0.68 0.01 -27.74
N GLU A 56 -1.89 -0.36 -28.16
CA GLU A 56 -2.07 -1.18 -29.35
C GLU A 56 -1.49 -0.43 -30.55
N GLY A 57 -0.69 -1.13 -31.36
CA GLY A 57 -0.06 -0.51 -32.52
C GLY A 57 1.27 0.14 -32.19
N ALA A 58 1.51 0.40 -30.91
CA ALA A 58 2.77 0.97 -30.45
C ALA A 58 3.29 0.16 -29.26
N ALA A 59 3.45 -1.14 -29.47
CA ALA A 59 3.94 -2.03 -28.42
C ALA A 59 5.46 -2.04 -28.39
N TRP A 60 6.03 -2.27 -27.21
CA TRP A 60 7.47 -2.45 -27.10
C TRP A 60 7.82 -3.43 -26.00
N ALA A 61 9.01 -4.00 -26.13
CA ALA A 61 9.56 -4.87 -25.09
C ALA A 61 10.89 -4.29 -24.66
N ARG A 62 11.38 -4.73 -23.51
CA ARG A 62 12.63 -4.19 -23.01
C ARG A 62 13.44 -5.25 -22.27
N VAL A 63 14.75 -5.21 -22.53
CA VAL A 63 15.71 -6.12 -21.91
C VAL A 63 16.72 -5.30 -21.13
N SER A 64 16.74 -5.48 -19.82
CA SER A 64 17.70 -4.81 -18.94
C SER A 64 18.75 -5.79 -18.48
N LEU A 65 20.00 -5.35 -18.60
CA LEU A 65 21.18 -6.13 -18.31
C LEU A 65 21.99 -5.38 -17.25
N LEU A 66 22.28 -6.10 -16.17
CA LEU A 66 22.88 -5.55 -14.96
C LEU A 66 24.33 -5.98 -14.83
N VAL A 67 24.77 -6.89 -15.70
CA VAL A 67 26.17 -7.29 -15.73
C VAL A 67 26.76 -7.18 -17.13
N GLU A 68 28.02 -6.76 -17.15
CA GLU A 68 28.79 -6.48 -18.35
C GLU A 68 28.90 -7.65 -19.35
N GLY A 69 29.20 -8.83 -18.84
CA GLY A 69 29.33 -10.01 -19.69
C GLY A 69 28.07 -10.24 -20.49
N LEU A 70 26.93 -10.02 -19.85
CA LEU A 70 25.65 -10.23 -20.52
C LEU A 70 25.41 -9.19 -21.61
N TYR A 71 25.78 -7.94 -21.35
CA TYR A 71 25.65 -6.91 -22.35
C TYR A 71 26.52 -7.29 -23.56
N ALA A 72 27.76 -7.68 -23.29
CA ALA A 72 28.68 -8.09 -24.35
C ALA A 72 28.14 -9.27 -25.15
N ARG A 73 27.63 -10.28 -24.45
CA ARG A 73 27.15 -11.48 -25.13
C ARG A 73 25.82 -11.27 -25.82
N LEU A 74 24.97 -10.41 -25.26
CA LEU A 74 23.58 -10.32 -25.70
C LEU A 74 23.28 -9.15 -26.64
N ALA A 75 23.93 -8.01 -26.43
CA ALA A 75 23.62 -6.83 -27.21
C ALA A 75 23.81 -7.04 -28.71
N PRO A 76 24.91 -7.71 -29.11
CA PRO A 76 25.08 -8.01 -30.53
C PRO A 76 23.93 -8.85 -31.10
N ARG A 77 23.45 -9.82 -30.32
CA ARG A 77 22.35 -10.68 -30.75
C ARG A 77 21.07 -9.88 -30.91
N LEU A 78 20.81 -8.96 -29.99
CA LEU A 78 19.60 -8.15 -30.03
C LEU A 78 19.62 -7.22 -31.23
N TYR A 79 20.75 -6.57 -31.48
CA TYR A 79 20.87 -5.67 -32.63
C TYR A 79 20.69 -6.43 -33.94
N ALA A 80 21.11 -7.69 -33.96
CA ALA A 80 20.99 -8.51 -35.18
C ALA A 80 19.52 -8.84 -35.47
N LEU A 81 18.64 -8.61 -34.50
CA LEU A 81 17.23 -8.92 -34.66
C LEU A 81 16.44 -7.82 -35.38
N GLU A 82 17.06 -6.66 -35.57
CA GLU A 82 16.38 -5.55 -36.22
C GLU A 82 15.89 -5.94 -37.61
N GLY A 83 14.61 -5.70 -37.85
CA GLY A 83 14.00 -6.02 -39.13
C GLY A 83 13.54 -7.47 -39.24
N GLU A 84 13.75 -8.24 -38.17
CA GLU A 84 13.37 -9.65 -38.15
C GLU A 84 12.10 -9.88 -37.35
N GLU A 85 11.46 -11.00 -37.63
CA GLU A 85 10.26 -11.40 -36.91
C GLU A 85 10.63 -12.30 -35.75
N VAL A 86 10.15 -11.93 -34.56
CA VAL A 86 10.40 -12.69 -33.35
C VAL A 86 9.08 -13.07 -32.71
N ARG A 87 9.14 -14.02 -31.80
CA ARG A 87 7.96 -14.44 -31.06
C ARG A 87 8.12 -14.12 -29.57
N LEU A 88 7.22 -13.28 -29.08
CA LEU A 88 7.18 -12.89 -27.68
C LEU A 88 5.77 -13.22 -27.20
N GLY A 89 5.46 -14.52 -27.21
CA GLY A 89 4.08 -14.95 -27.21
C GLY A 89 3.61 -14.81 -28.64
N PRO A 90 2.92 -13.70 -28.97
CA PRO A 90 2.60 -13.48 -30.39
C PRO A 90 3.82 -13.01 -31.18
N PRO A 91 3.78 -13.17 -32.51
CA PRO A 91 4.86 -12.69 -33.38
C PRO A 91 4.87 -11.18 -33.57
N PHE A 92 6.07 -10.60 -33.61
CA PHE A 92 6.25 -9.19 -33.88
C PHE A 92 7.44 -9.02 -34.79
N ARG A 93 7.51 -7.86 -35.44
CA ARG A 93 8.70 -7.47 -36.17
C ARG A 93 9.47 -6.45 -35.35
N VAL A 94 10.74 -6.74 -35.08
CA VAL A 94 11.59 -5.79 -34.38
C VAL A 94 11.93 -4.65 -35.32
N ARG A 95 11.29 -3.50 -35.12
CA ARG A 95 11.53 -2.34 -35.95
C ARG A 95 12.88 -1.74 -35.61
N ALA A 96 13.17 -1.62 -34.32
CA ALA A 96 14.41 -1.01 -33.87
C ALA A 96 14.79 -1.48 -32.48
N VAL A 97 16.09 -1.54 -32.22
CA VAL A 97 16.63 -1.80 -30.89
C VAL A 97 17.24 -0.52 -30.38
N LEU A 98 16.66 0.04 -29.33
CA LEU A 98 17.02 1.39 -28.87
C LEU A 98 17.74 1.42 -27.53
N GLN A 99 18.84 2.15 -27.51
CA GLN A 99 19.55 2.48 -26.28
C GLN A 99 19.15 3.88 -25.83
N GLU A 100 18.69 4.69 -26.79
CA GLU A 100 18.32 6.07 -26.52
C GLU A 100 17.05 6.43 -27.32
N GLY A 101 16.37 7.48 -26.88
CA GLY A 101 15.20 7.96 -27.60
C GLY A 101 13.92 7.23 -27.28
N HIS A 102 13.87 6.56 -26.14
CA HIS A 102 12.65 5.92 -25.65
C HIS A 102 12.64 6.06 -24.13
N PRO A 103 11.46 6.32 -23.54
CA PRO A 103 11.44 6.59 -22.09
C PRO A 103 12.03 5.48 -21.22
N TRP A 104 11.98 4.24 -21.69
CA TRP A 104 12.43 3.09 -20.91
C TRP A 104 13.72 2.46 -21.45
N ALA A 105 14.40 3.18 -22.33
CA ALA A 105 15.71 2.78 -22.80
C ALA A 105 16.77 3.62 -22.11
N GLY A 106 17.92 3.03 -21.82
CA GLY A 106 18.99 3.81 -21.21
C GLY A 106 20.24 3.01 -20.94
N VAL A 107 21.37 3.69 -20.84
CA VAL A 107 22.62 3.08 -20.39
C VAL A 107 23.24 3.96 -19.33
N SER A 108 23.97 3.32 -18.41
CA SER A 108 24.67 4.04 -17.36
C SER A 108 25.78 3.17 -16.84
N THR A 109 26.35 3.56 -15.71
CA THR A 109 27.30 2.71 -15.00
C THR A 109 26.95 2.71 -13.51
N TYR A 110 27.51 1.77 -12.78
CA TYR A 110 27.24 1.66 -11.35
C TYR A 110 27.73 2.88 -10.55
N PRO A 111 28.94 3.38 -10.81
CA PRO A 111 29.38 4.59 -10.12
C PRO A 111 28.47 5.78 -10.39
N ARG A 112 27.98 5.88 -11.63
CA ARG A 112 27.11 6.98 -12.02
C ARG A 112 25.77 6.97 -11.30
N LEU A 113 25.40 5.83 -10.75
CA LEU A 113 24.19 5.76 -9.93
C LEU A 113 24.36 6.65 -8.69
N PHE A 114 25.61 6.96 -8.36
CA PHE A 114 25.94 7.67 -7.12
C PHE A 114 26.36 9.11 -7.34
N GLN A 115 25.82 9.76 -8.37
CA GLN A 115 26.22 11.13 -8.68
C GLN A 115 25.14 12.14 -8.35
N GLY A 116 24.18 11.72 -7.54
CA GLY A 116 23.20 12.63 -6.98
C GLY A 116 22.43 13.42 -8.00
N PRO A 117 21.82 14.54 -7.59
CA PRO A 117 21.93 15.09 -6.23
C PRO A 117 21.30 14.16 -5.20
N PRO A 118 21.84 14.15 -3.96
CA PRO A 118 21.21 13.29 -2.95
C PRO A 118 19.86 13.84 -2.57
N SER A 119 18.98 12.99 -2.04
CA SER A 119 17.69 13.45 -1.55
C SER A 119 17.15 12.54 -0.47
N ARG A 120 16.52 13.15 0.52
CA ARG A 120 15.87 12.45 1.60
C ARG A 120 14.67 11.68 1.08
N ASP A 121 14.13 12.16 -0.04
CA ASP A 121 12.92 11.61 -0.61
C ASP A 121 13.20 10.82 -1.88
N LEU A 122 12.35 9.84 -2.13
CA LEU A 122 12.44 9.05 -3.35
C LEU A 122 11.03 8.75 -3.84
N ALA A 123 10.66 9.37 -4.95
CA ALA A 123 9.36 9.12 -5.56
C ALA A 123 9.52 8.02 -6.59
N LEU A 124 8.91 6.87 -6.33
CA LEU A 124 8.94 5.76 -7.27
C LEU A 124 7.60 5.59 -7.94
N ARG A 125 7.67 5.45 -9.26
CA ARG A 125 6.55 5.09 -10.09
C ARG A 125 6.68 3.62 -10.46
N PHE A 126 5.68 2.85 -10.05
CA PHE A 126 5.54 1.44 -10.39
C PHE A 126 4.63 1.34 -11.60
N ALA A 127 5.24 0.93 -12.72
CA ALA A 127 4.62 1.01 -14.05
C ALA A 127 4.02 -0.32 -14.50
N SER A 128 4.41 -1.40 -13.83
CA SER A 128 3.78 -2.70 -14.03
C SER A 128 3.53 -3.31 -12.67
N PRO A 129 2.62 -4.29 -12.57
CA PRO A 129 2.24 -4.81 -11.26
C PRO A 129 3.44 -5.31 -10.48
N THR A 130 3.56 -4.82 -9.24
CA THR A 130 4.71 -5.11 -8.39
C THR A 130 4.27 -5.90 -7.17
N PHE A 131 4.97 -6.99 -6.88
CA PHE A 131 4.66 -7.78 -5.69
C PHE A 131 5.90 -8.49 -5.15
N PHE A 132 5.76 -9.06 -3.97
CA PHE A 132 6.89 -9.64 -3.25
C PHE A 132 6.54 -11.01 -2.72
N ARG A 133 7.58 -11.81 -2.46
CA ARG A 133 7.43 -13.12 -1.87
C ARG A 133 7.66 -13.08 -0.36
N ARG A 134 6.66 -13.48 0.41
CA ARG A 134 6.86 -13.76 1.83
C ARG A 134 6.24 -15.11 2.17
N LYS A 135 7.07 -16.04 2.62
CA LYS A 135 6.61 -17.35 3.09
C LYS A 135 5.89 -18.14 1.98
N GLY A 136 6.20 -17.81 0.74
CA GLY A 136 5.58 -18.50 -0.38
C GLY A 136 4.21 -17.95 -0.70
N VAL A 137 3.91 -16.75 -0.19
CA VAL A 137 2.70 -16.04 -0.55
C VAL A 137 3.05 -14.68 -1.11
N HIS A 138 2.43 -14.34 -2.23
CA HIS A 138 2.68 -13.06 -2.88
C HIS A 138 1.99 -11.92 -2.14
N TYR A 139 2.68 -10.80 -2.05
CA TYR A 139 2.21 -9.64 -1.30
C TYR A 139 2.40 -8.39 -2.16
N PRO A 140 1.33 -7.63 -2.40
CA PRO A 140 1.39 -6.52 -3.35
C PRO A 140 1.65 -5.13 -2.74
N VAL A 141 1.88 -5.02 -1.44
CA VAL A 141 2.02 -3.71 -0.84
C VAL A 141 3.48 -3.24 -0.88
N PRO A 142 3.73 -2.09 -1.53
CA PRO A 142 5.11 -1.60 -1.68
C PRO A 142 5.67 -0.95 -0.40
N GLU A 143 5.85 -1.74 0.64
CA GLU A 143 6.40 -1.27 1.90
C GLU A 143 7.85 -0.84 1.70
N PRO A 144 8.34 0.10 2.52
CA PRO A 144 9.70 0.62 2.37
C PRO A 144 10.79 -0.45 2.35
N ARG A 145 10.79 -1.34 3.34
CA ARG A 145 11.88 -2.32 3.41
C ARG A 145 11.81 -3.33 2.27
N LEU A 146 10.61 -3.72 1.87
CA LEU A 146 10.48 -4.65 0.74
C LEU A 146 11.11 -4.05 -0.52
N VAL A 147 10.66 -2.86 -0.87
CA VAL A 147 11.16 -2.15 -2.04
C VAL A 147 12.66 -1.92 -1.97
N LEU A 148 13.11 -1.29 -0.89
CA LEU A 148 14.51 -0.88 -0.80
C LEU A 148 15.46 -2.06 -0.55
N GLU A 149 14.99 -3.09 0.15
CA GLU A 149 15.78 -4.31 0.30
C GLU A 149 15.93 -4.96 -1.07
N SER A 150 14.82 -5.04 -1.81
CA SER A 150 14.85 -5.59 -3.16
C SER A 150 15.89 -4.87 -4.02
N LEU A 151 15.84 -3.54 -4.04
CA LEU A 151 16.82 -2.77 -4.82
C LEU A 151 18.26 -2.94 -4.32
N LEU A 152 18.45 -2.75 -3.02
CA LEU A 152 19.78 -2.76 -2.44
C LEU A 152 20.49 -4.10 -2.68
N ARG A 153 19.77 -5.18 -2.37
CA ARG A 153 20.30 -6.54 -2.53
C ARG A 153 20.95 -6.73 -3.90
N ARG A 154 20.22 -6.36 -4.94
CA ARG A 154 20.70 -6.56 -6.30
C ARG A 154 21.80 -5.56 -6.66
N LEU A 155 21.64 -4.31 -6.24
CA LEU A 155 22.69 -3.31 -6.46
C LEU A 155 24.02 -3.86 -6.01
N GLU A 156 23.99 -4.53 -4.86
CA GLU A 156 25.20 -5.09 -4.28
C GLU A 156 25.65 -6.37 -4.91
N ALA A 157 24.68 -7.22 -5.23
CA ALA A 157 24.98 -8.46 -5.90
C ALA A 157 25.75 -8.18 -7.20
N PHE A 158 25.38 -7.11 -7.91
CA PHE A 158 25.99 -6.84 -9.22
C PHE A 158 26.89 -5.60 -9.33
N GLY A 159 26.83 -4.71 -8.33
CA GLY A 159 27.64 -3.51 -8.35
C GLY A 159 28.93 -3.70 -7.57
N PRO A 160 29.82 -2.69 -7.60
CA PRO A 160 31.16 -2.78 -7.00
C PRO A 160 31.21 -2.23 -5.58
N LEU A 161 30.06 -1.78 -5.08
CA LEU A 161 29.98 -1.11 -3.79
C LEU A 161 28.89 -1.73 -2.94
N LYS A 162 29.17 -1.86 -1.64
CA LYS A 162 28.14 -2.13 -0.64
C LYS A 162 28.14 -0.96 0.32
N ALA A 163 27.04 -0.84 1.03
CA ALA A 163 26.74 0.31 1.85
C ALA A 163 27.30 0.06 3.23
N PRO A 164 27.83 1.12 3.88
CA PRO A 164 28.13 1.05 5.31
C PRO A 164 26.86 0.67 6.07
N GLU A 165 27.01 -0.05 7.18
CA GLU A 165 25.86 -0.59 7.89
C GLU A 165 24.90 0.49 8.40
N GLY A 166 25.45 1.61 8.85
CA GLY A 166 24.64 2.72 9.29
C GLY A 166 23.66 3.10 8.19
N VAL A 167 24.21 3.27 6.99
CA VAL A 167 23.42 3.64 5.82
C VAL A 167 22.32 2.63 5.59
N ARG A 168 22.71 1.36 5.58
CA ARG A 168 21.78 0.27 5.33
C ARG A 168 20.63 0.23 6.33
N GLU A 169 20.98 0.28 7.61
CA GLU A 169 19.99 0.15 8.67
C GLU A 169 19.06 1.35 8.54
N ALA A 170 19.63 2.50 8.20
CA ALA A 170 18.82 3.70 7.92
C ALA A 170 17.85 3.43 6.76
N LEU A 171 18.39 2.97 5.64
CA LEU A 171 17.59 2.75 4.43
C LEU A 171 16.43 1.79 4.69
N LEU A 172 16.73 0.66 5.34
CA LEU A 172 15.74 -0.39 5.49
C LEU A 172 14.82 -0.25 6.70
N GLU A 173 15.34 0.24 7.82
CA GLU A 173 14.56 0.26 9.06
C GLU A 173 13.88 1.59 9.34
N ARG A 174 14.38 2.64 8.69
CA ARG A 174 13.96 4.01 9.03
C ARG A 174 13.20 4.70 7.93
N THR A 175 13.40 4.27 6.69
CA THR A 175 12.67 4.84 5.58
C THR A 175 11.19 4.60 5.81
N THR A 176 10.39 5.63 5.55
CA THR A 176 8.96 5.57 5.74
C THR A 176 8.27 5.93 4.44
N VAL A 177 6.94 5.98 4.47
CA VAL A 177 6.17 6.42 3.32
C VAL A 177 5.53 7.74 3.64
N ARG A 178 5.67 8.67 2.72
CA ARG A 178 5.09 9.98 2.88
C ARG A 178 3.74 10.05 2.16
N SER A 179 3.68 9.45 0.97
CA SER A 179 2.44 9.39 0.21
C SER A 179 2.39 8.13 -0.67
N LEU A 180 1.17 7.72 -1.00
CA LEU A 180 0.93 6.57 -1.86
C LEU A 180 -0.35 6.78 -2.63
N GLU A 181 -0.30 6.50 -3.93
CA GLU A 181 -1.48 6.57 -4.77
C GLU A 181 -1.43 5.46 -5.81
N GLY A 182 -2.49 4.66 -5.90
CA GLY A 182 -2.52 3.61 -6.91
C GLY A 182 -3.48 2.49 -6.62
N ARG A 183 -3.25 1.38 -7.30
CA ARG A 183 -4.13 0.22 -7.16
C ARG A 183 -3.38 -1.04 -7.53
N THR A 184 -3.95 -2.17 -7.18
CA THR A 184 -3.40 -3.45 -7.59
C THR A 184 -4.10 -3.93 -8.85
N LEU A 185 -3.34 -4.61 -9.70
CA LEU A 185 -3.87 -5.24 -10.90
C LEU A 185 -3.44 -6.71 -10.90
N PRO A 186 -4.25 -7.58 -11.51
CA PRO A 186 -3.92 -9.01 -11.52
C PRO A 186 -2.61 -9.31 -12.22
N ALA A 187 -1.83 -10.24 -11.66
CA ALA A 187 -0.66 -10.78 -12.33
C ALA A 187 -1.09 -12.08 -12.99
N ARG A 188 -1.35 -12.01 -14.30
CA ARG A 188 -2.06 -13.06 -15.02
C ARG A 188 -1.30 -14.38 -15.09
N THR A 189 0.01 -14.34 -14.88
CA THR A 189 0.81 -15.56 -14.96
C THR A 189 0.76 -16.35 -13.65
N GLU A 190 0.26 -15.73 -12.60
CA GLU A 190 0.36 -16.29 -11.26
C GLU A 190 -0.98 -16.74 -10.70
N VAL A 191 -0.93 -17.45 -9.58
CA VAL A 191 -2.14 -17.92 -8.90
C VAL A 191 -2.52 -16.93 -7.79
N ASP A 192 -3.76 -16.44 -7.85
CA ASP A 192 -4.30 -15.58 -6.79
C ASP A 192 -3.34 -14.45 -6.43
N THR A 193 -2.77 -13.81 -7.44
CA THR A 193 -1.76 -12.79 -7.22
C THR A 193 -2.10 -11.49 -7.94
N ALA A 194 -1.94 -10.40 -7.22
CA ALA A 194 -2.07 -9.05 -7.78
C ALA A 194 -0.79 -8.28 -7.49
N GLY A 195 -0.59 -7.18 -8.20
CA GLY A 195 0.58 -6.35 -8.00
C GLY A 195 0.25 -4.88 -8.06
N PHE A 196 0.97 -4.09 -7.27
CA PHE A 196 0.73 -2.65 -7.16
C PHE A 196 1.20 -1.91 -8.39
N VAL A 197 0.39 -0.95 -8.81
CA VAL A 197 0.73 -0.01 -9.86
C VAL A 197 0.35 1.38 -9.37
N GLY A 198 1.26 2.32 -9.57
CA GLY A 198 1.06 3.66 -9.04
C GLY A 198 2.31 4.39 -8.62
N ARG A 199 2.14 5.33 -7.69
CA ARG A 199 3.25 6.17 -7.24
C ARG A 199 3.33 6.15 -5.72
N VAL A 200 4.54 5.98 -5.22
CA VAL A 200 4.81 6.01 -3.80
C VAL A 200 5.99 6.92 -3.54
N VAL A 201 5.86 7.79 -2.53
CA VAL A 201 6.96 8.66 -2.14
C VAL A 201 7.52 8.18 -0.80
N TYR A 202 8.78 7.77 -0.83
CA TYR A 202 9.48 7.33 0.36
C TYR A 202 10.31 8.48 0.90
N HIS A 203 10.49 8.48 2.22
CA HIS A 203 11.25 9.52 2.89
C HIS A 203 12.11 8.89 3.98
N LEU A 204 13.33 9.37 4.10
CA LEU A 204 14.24 8.91 5.15
C LEU A 204 14.47 10.04 6.15
N PRO A 205 13.89 9.92 7.35
CA PRO A 205 14.11 10.92 8.40
C PRO A 205 15.57 10.94 8.88
N ARG A 206 16.07 12.13 9.20
CA ARG A 206 17.39 12.29 9.79
C ARG A 206 18.47 11.81 8.82
N ALA A 207 18.15 11.89 7.54
CA ALA A 207 19.04 11.37 6.52
C ALA A 207 20.32 12.19 6.46
N THR A 208 21.44 11.49 6.52
CA THR A 208 22.73 12.09 6.22
C THR A 208 22.76 12.41 4.73
N GLU A 209 23.78 13.16 4.34
CA GLU A 209 24.05 13.41 2.92
C GLU A 209 24.31 12.07 2.22
N GLU A 210 25.05 11.21 2.92
CA GLU A 210 25.44 9.90 2.38
C GLU A 210 24.22 9.02 2.15
N GLU A 211 23.42 8.90 3.20
CA GLU A 211 22.17 8.14 3.16
C GLU A 211 21.31 8.60 1.99
N ALA A 212 21.16 9.92 1.88
CA ALA A 212 20.35 10.50 0.82
C ALA A 212 20.92 10.11 -0.55
N LEU A 213 22.25 10.18 -0.65
CA LEU A 213 22.93 9.73 -1.86
C LEU A 213 22.53 8.30 -2.22
N TRP A 214 22.72 7.38 -1.28
CA TRP A 214 22.37 5.98 -1.54
C TRP A 214 20.90 5.78 -1.90
N LEU A 215 20.03 6.51 -1.22
CA LEU A 215 18.61 6.45 -1.54
C LEU A 215 18.39 6.82 -3.01
N SER A 216 18.97 7.94 -3.42
CA SER A 216 18.87 8.36 -4.81
C SER A 216 19.46 7.30 -5.77
N ALA A 217 20.56 6.68 -5.35
CA ALA A 217 21.17 5.63 -6.16
C ALA A 217 20.26 4.41 -6.34
N LEU A 218 19.62 3.95 -5.27
CA LEU A 218 18.66 2.86 -5.37
C LEU A 218 17.53 3.26 -6.31
N GLY A 219 17.08 4.51 -6.16
CA GLY A 219 16.11 5.08 -7.07
C GLY A 219 16.54 4.99 -8.53
N ARG A 220 17.77 5.39 -8.82
CA ARG A 220 18.27 5.33 -10.19
C ARG A 220 18.43 3.90 -10.69
N PHE A 221 18.84 3.00 -9.78
CA PHE A 221 19.04 1.60 -10.12
C PHE A 221 17.73 0.88 -10.48
N ALA A 222 16.66 1.23 -9.79
CA ALA A 222 15.33 0.67 -10.07
C ALA A 222 14.96 0.67 -11.56
N PHE A 223 15.33 1.74 -12.27
CA PHE A 223 15.07 1.85 -13.70
C PHE A 223 15.55 0.62 -14.45
N TYR A 224 16.67 0.06 -13.99
CA TYR A 224 17.29 -1.09 -14.64
C TYR A 224 16.84 -2.41 -14.02
N SER A 225 16.83 -2.47 -12.69
CA SER A 225 16.57 -3.74 -12.03
C SER A 225 15.09 -4.11 -11.90
N GLY A 226 14.23 -3.10 -11.85
CA GLY A 226 12.85 -3.34 -11.45
C GLY A 226 12.78 -3.58 -9.96
N VAL A 227 11.59 -3.87 -9.45
CA VAL A 227 11.40 -4.06 -8.02
C VAL A 227 10.61 -5.33 -7.74
N GLY A 228 11.10 -6.13 -6.80
CA GLY A 228 10.35 -7.25 -6.28
C GLY A 228 10.52 -8.53 -7.05
N ALA A 229 9.49 -9.37 -7.01
CA ALA A 229 9.56 -10.71 -7.57
C ALA A 229 9.14 -10.77 -9.05
N LYS A 230 9.73 -11.72 -9.77
CA LYS A 230 9.30 -12.06 -11.12
C LYS A 230 9.51 -10.90 -12.12
N THR A 231 10.60 -10.16 -11.97
CA THR A 231 10.96 -9.16 -12.98
C THR A 231 11.29 -9.83 -14.31
N SER A 232 11.54 -11.13 -14.30
CA SER A 232 11.82 -11.86 -15.53
C SER A 232 10.55 -12.01 -16.38
N LEU A 233 9.40 -11.72 -15.78
CA LEU A 233 8.13 -11.80 -16.49
C LEU A 233 7.52 -10.42 -16.75
N GLY A 234 8.29 -9.36 -16.51
CA GLY A 234 7.83 -8.01 -16.79
C GLY A 234 7.20 -7.29 -15.62
N TYR A 235 7.13 -7.96 -14.47
CA TYR A 235 6.58 -7.34 -13.27
C TYR A 235 7.61 -6.42 -12.62
N GLY A 236 7.12 -5.50 -11.81
CA GLY A 236 8.00 -4.66 -11.01
C GLY A 236 8.79 -3.64 -11.80
N ARG A 237 8.32 -3.32 -13.00
CA ARG A 237 8.94 -2.26 -13.80
C ARG A 237 8.67 -0.93 -13.11
N ALA A 238 9.73 -0.22 -12.78
CA ALA A 238 9.62 1.00 -11.99
C ALA A 238 10.69 2.02 -12.32
N ARG A 239 10.42 3.27 -11.98
CA ARG A 239 11.42 4.32 -12.14
C ARG A 239 11.23 5.43 -11.12
N ALA A 240 12.30 6.20 -10.90
CA ALA A 240 12.24 7.34 -10.00
C ALA A 240 11.67 8.55 -10.73
N GLU A 241 10.96 9.39 -9.98
CA GLU A 241 10.37 10.62 -10.51
C GLU A 241 10.75 11.76 -9.57
N SER A 242 10.11 12.92 -9.74
CA SER A 242 10.26 14.03 -8.81
C SER A 242 8.89 14.45 -8.29
N SER B 4 -24.75 -7.52 29.20
CA SER B 4 -24.32 -6.12 28.90
C SER B 4 -23.65 -6.06 27.53
N MET B 5 -22.44 -5.50 27.48
CA MET B 5 -21.59 -5.58 26.29
C MET B 5 -22.16 -4.83 25.09
N VAL B 6 -22.89 -3.76 25.35
CA VAL B 6 -23.44 -2.94 24.27
C VAL B 6 -22.34 -2.21 23.54
N LEU B 7 -22.59 -2.00 22.25
CA LEU B 7 -21.75 -1.18 21.41
C LEU B 7 -22.61 -0.26 20.59
N ALA B 8 -22.23 1.02 20.50
CA ALA B 8 -23.06 1.97 19.75
C ALA B 8 -22.27 2.97 18.92
N ALA B 9 -22.82 3.33 17.77
CA ALA B 9 -22.32 4.42 16.97
C ALA B 9 -23.54 5.26 16.64
N LEU B 10 -23.61 6.43 17.27
CA LEU B 10 -24.75 7.33 17.09
C LEU B 10 -24.38 8.45 16.15
N VAL B 11 -25.26 8.69 15.18
CA VAL B 11 -25.04 9.74 14.18
C VAL B 11 -25.90 10.95 14.47
N LEU B 12 -25.26 12.11 14.51
CA LEU B 12 -25.95 13.38 14.62
C LEU B 12 -26.03 13.98 13.24
N VAL B 13 -27.22 13.95 12.66
CA VAL B 13 -27.46 14.57 11.36
C VAL B 13 -27.74 16.05 11.57
N LEU B 14 -27.06 16.87 10.78
CA LEU B 14 -26.92 18.29 11.07
C LEU B 14 -27.62 19.17 10.04
N GLU B 15 -28.15 20.28 10.55
CA GLU B 15 -28.69 21.33 9.72
C GLU B 15 -27.75 22.52 9.83
N GLY B 16 -27.24 22.98 8.69
CA GLY B 16 -26.35 24.13 8.65
C GLY B 16 -25.34 24.00 7.53
N GLU B 17 -24.77 25.14 7.13
CA GLU B 17 -23.79 25.16 6.05
C GLU B 17 -22.44 24.66 6.53
N GLY B 18 -21.67 24.10 5.62
CA GLY B 18 -20.31 23.66 5.92
C GLY B 18 -20.27 22.23 6.46
N LEU B 19 -19.12 21.88 7.03
CA LEU B 19 -18.91 20.57 7.61
C LEU B 19 -18.28 20.71 8.99
N PRO B 20 -18.50 19.72 9.86
CA PRO B 20 -17.84 19.72 11.17
C PRO B 20 -16.32 19.75 11.03
N GLU B 21 -15.65 20.37 12.00
CA GLU B 21 -14.20 20.41 12.04
C GLU B 21 -13.71 19.50 13.18
N PRO B 22 -12.65 18.72 12.93
CA PRO B 22 -12.18 17.72 13.92
C PRO B 22 -12.00 18.28 15.33
N LEU B 23 -11.29 19.39 15.44
CA LEU B 23 -11.01 19.98 16.76
C LEU B 23 -12.29 20.44 17.46
N GLY B 24 -13.18 21.07 16.70
CA GLY B 24 -14.46 21.51 17.24
C GLY B 24 -15.30 20.35 17.76
N LEU B 25 -15.35 19.28 16.96
CA LEU B 25 -16.10 18.09 17.32
C LEU B 25 -15.54 17.44 18.57
N ARG B 26 -14.23 17.24 18.60
CA ARG B 26 -13.63 16.61 19.76
C ARG B 26 -13.80 17.46 21.01
N GLY B 27 -13.65 18.78 20.88
CA GLY B 27 -13.87 19.66 22.01
C GLY B 27 -15.29 19.54 22.53
N PHE B 28 -16.25 19.58 21.60
CA PHE B 28 -17.65 19.39 21.95
C PHE B 28 -17.83 18.10 22.76
N PHE B 29 -17.28 17.00 22.26
CA PHE B 29 -17.37 15.72 22.98
C PHE B 29 -16.67 15.74 24.36
N TYR B 30 -15.49 16.33 24.41
CA TYR B 30 -14.76 16.47 25.67
C TYR B 30 -15.61 17.18 26.71
N GLY B 31 -16.30 18.24 26.31
CA GLY B 31 -17.24 18.89 27.21
C GLY B 31 -18.24 17.91 27.81
N LEU B 32 -18.83 17.10 26.93
CA LEU B 32 -19.84 16.14 27.33
C LEU B 32 -19.24 15.14 28.30
N LEU B 33 -17.97 14.80 28.10
CA LEU B 33 -17.32 13.89 29.05
C LEU B 33 -17.23 14.43 30.48
N ARG B 34 -16.82 15.68 30.66
CA ARG B 34 -16.80 16.24 32.01
C ARG B 34 -18.17 16.24 32.57
N GLU B 35 -19.07 16.88 31.83
CA GLU B 35 -20.33 17.23 32.45
C GLU B 35 -21.15 16.10 33.05
N VAL B 36 -20.98 14.88 32.53
CA VAL B 36 -21.85 13.76 32.96
C VAL B 36 -21.31 12.89 34.19
N GLU B 45 -6.49 2.79 25.89
CA GLU B 45 -7.21 3.04 24.65
C GLU B 45 -8.48 3.83 24.92
N ASN B 46 -8.87 4.67 23.98
CA ASN B 46 -10.11 5.43 24.11
C ASN B 46 -11.31 4.50 24.03
N PRO B 47 -12.25 4.60 24.99
CA PRO B 47 -13.48 3.80 24.90
C PRO B 47 -14.50 4.45 23.98
N PHE B 48 -14.03 5.26 23.04
CA PHE B 48 -14.90 5.96 22.12
C PHE B 48 -14.15 6.26 20.84
N ALA B 49 -14.89 6.68 19.82
CA ALA B 49 -14.27 7.27 18.64
C ALA B 49 -15.22 8.32 18.07
N LEU B 50 -14.68 9.24 17.28
CA LEU B 50 -15.51 10.28 16.68
C LEU B 50 -15.37 10.23 15.17
N GLY B 51 -16.39 10.74 14.48
CA GLY B 51 -16.33 10.84 13.04
C GLY B 51 -17.25 11.92 12.50
N PHE B 52 -17.07 12.24 11.23
CA PHE B 52 -17.94 13.21 10.57
C PHE B 52 -17.88 13.00 9.08
N GLY B 53 -18.93 13.43 8.39
CA GLY B 53 -18.97 13.28 6.96
C GLY B 53 -20.17 13.93 6.29
N GLY B 54 -20.39 13.55 5.04
CA GLY B 54 -21.49 14.09 4.25
C GLY B 54 -21.03 15.18 3.30
N ARG B 55 -21.96 15.66 2.48
CA ARG B 55 -21.72 16.81 1.62
C ARG B 55 -21.89 18.09 2.44
N GLU B 56 -21.23 19.16 2.02
CA GLU B 56 -21.46 20.46 2.60
C GLU B 56 -22.95 20.78 2.50
N GLY B 57 -23.56 21.14 3.62
CA GLY B 57 -24.99 21.44 3.64
C GLY B 57 -25.84 20.25 4.02
N ALA B 58 -25.24 19.05 3.98
CA ALA B 58 -25.90 17.82 4.40
C ALA B 58 -24.91 17.01 5.22
N ALA B 59 -24.38 17.64 6.26
CA ALA B 59 -23.29 17.08 7.05
C ALA B 59 -23.79 16.24 8.21
N TRP B 60 -22.91 15.41 8.74
CA TRP B 60 -23.21 14.68 9.97
C TRP B 60 -21.96 14.45 10.80
N ALA B 61 -22.18 14.24 12.10
CA ALA B 61 -21.12 13.85 13.01
C ALA B 61 -21.49 12.52 13.64
N ARG B 62 -20.53 11.81 14.20
CA ARG B 62 -20.84 10.51 14.81
C ARG B 62 -19.96 10.25 16.01
N VAL B 63 -20.60 9.65 17.00
CA VAL B 63 -19.97 9.29 18.26
C VAL B 63 -20.09 7.79 18.46
N SER B 64 -18.93 7.14 18.51
CA SER B 64 -18.84 5.71 18.79
C SER B 64 -18.53 5.51 20.26
N LEU B 65 -19.34 4.67 20.89
CA LEU B 65 -19.24 4.33 22.29
C LEU B 65 -19.00 2.82 22.44
N LEU B 66 -17.85 2.48 23.03
CA LEU B 66 -17.34 1.12 23.04
C LEU B 66 -17.51 0.43 24.38
N VAL B 67 -17.98 1.16 25.39
CA VAL B 67 -18.25 0.59 26.70
C VAL B 67 -19.61 1.04 27.23
N GLU B 68 -20.31 0.11 27.87
CA GLU B 68 -21.66 0.33 28.38
C GLU B 68 -21.80 1.58 29.21
N GLY B 69 -20.86 1.79 30.13
CA GLY B 69 -20.88 2.94 31.02
C GLY B 69 -21.02 4.24 30.25
N LEU B 70 -20.19 4.36 29.22
CA LEU B 70 -20.13 5.59 28.44
C LEU B 70 -21.42 5.77 27.64
N TYR B 71 -21.98 4.67 27.14
CA TYR B 71 -23.26 4.75 26.46
C TYR B 71 -24.35 5.24 27.40
N ALA B 72 -24.46 4.58 28.55
CA ALA B 72 -25.50 4.90 29.51
C ALA B 72 -25.41 6.35 29.95
N ARG B 73 -24.16 6.81 30.09
CA ARG B 73 -23.90 8.17 30.50
C ARG B 73 -24.09 9.22 29.38
N LEU B 74 -23.64 8.91 28.16
CA LEU B 74 -23.63 9.90 27.07
C LEU B 74 -24.84 9.91 26.14
N ALA B 75 -25.43 8.74 25.91
CA ALA B 75 -26.59 8.68 25.03
C ALA B 75 -27.67 9.66 25.48
N PRO B 76 -27.97 9.72 26.78
CA PRO B 76 -28.99 10.67 27.24
C PRO B 76 -28.63 12.12 26.91
N ARG B 77 -27.35 12.46 26.96
CA ARG B 77 -26.95 13.83 26.66
C ARG B 77 -27.06 14.17 25.18
N LEU B 78 -26.72 13.21 24.33
CA LEU B 78 -26.80 13.44 22.90
C LEU B 78 -28.27 13.60 22.48
N TYR B 79 -29.12 12.72 22.96
CA TYR B 79 -30.55 12.80 22.62
C TYR B 79 -31.14 14.13 23.10
N ALA B 80 -30.67 14.61 24.24
CA ALA B 80 -31.15 15.89 24.78
C ALA B 80 -30.77 17.06 23.89
N LEU B 81 -29.87 16.84 22.93
CA LEU B 81 -29.43 17.89 22.02
C LEU B 81 -30.24 17.96 20.74
N GLU B 82 -31.16 17.02 20.55
CA GLU B 82 -32.00 17.04 19.37
C GLU B 82 -32.73 18.38 19.27
N GLY B 83 -32.60 19.02 18.11
CA GLY B 83 -33.26 20.29 17.87
C GLY B 83 -32.51 21.48 18.44
N GLU B 84 -31.35 21.23 19.06
CA GLU B 84 -30.57 22.30 19.67
C GLU B 84 -29.41 22.68 18.77
N GLU B 85 -28.89 23.89 18.97
CA GLU B 85 -27.73 24.34 18.23
C GLU B 85 -26.46 23.95 18.97
N VAL B 86 -25.51 23.40 18.23
CA VAL B 86 -24.20 23.05 18.78
C VAL B 86 -23.14 23.63 17.87
N ARG B 87 -21.92 23.74 18.39
CA ARG B 87 -20.80 24.20 17.61
C ARG B 87 -19.79 23.07 17.45
N LEU B 88 -19.52 22.72 16.20
CA LEU B 88 -18.56 21.68 15.86
C LEU B 88 -17.60 22.31 14.86
N GLY B 89 -16.99 23.41 15.28
CA GLY B 89 -16.35 24.31 14.34
C GLY B 89 -17.42 25.31 13.93
N PRO B 90 -17.99 25.14 12.73
CA PRO B 90 -19.18 25.94 12.40
C PRO B 90 -20.37 25.57 13.28
N PRO B 91 -21.38 26.45 13.38
CA PRO B 91 -22.58 26.10 14.13
C PRO B 91 -23.55 25.22 13.33
N PHE B 92 -24.18 24.27 14.02
CA PHE B 92 -25.18 23.39 13.40
C PHE B 92 -26.35 23.20 14.33
N ARG B 93 -27.52 22.93 13.76
CA ARG B 93 -28.66 22.45 14.53
C ARG B 93 -28.70 20.94 14.41
N VAL B 94 -28.83 20.23 15.53
CA VAL B 94 -28.91 18.78 15.50
C VAL B 94 -30.31 18.38 15.10
N ARG B 95 -30.47 17.88 13.88
CA ARG B 95 -31.79 17.48 13.39
C ARG B 95 -32.28 16.26 14.15
N ALA B 96 -31.40 15.27 14.29
CA ALA B 96 -31.77 14.00 14.88
C ALA B 96 -30.53 13.27 15.38
N VAL B 97 -30.74 12.43 16.40
CA VAL B 97 -29.71 11.51 16.85
C VAL B 97 -30.18 10.09 16.50
N LEU B 98 -29.41 9.43 15.63
CA LEU B 98 -29.81 8.15 15.06
C LEU B 98 -28.93 7.00 15.48
N GLN B 99 -29.54 5.90 15.92
CA GLN B 99 -28.83 4.66 16.17
C GLN B 99 -29.00 3.69 15.00
N GLU B 100 -29.86 4.07 14.05
CA GLU B 100 -30.09 3.28 12.85
C GLU B 100 -30.76 4.18 11.81
N GLY B 101 -30.87 3.69 10.58
CA GLY B 101 -31.45 4.48 9.51
C GLY B 101 -30.46 5.45 8.90
N HIS B 102 -29.19 5.29 9.23
CA HIS B 102 -28.12 6.03 8.58
C HIS B 102 -26.94 5.05 8.37
N PRO B 103 -26.24 5.17 7.24
CA PRO B 103 -25.20 4.17 6.92
C PRO B 103 -24.11 4.02 8.00
N TRP B 104 -23.86 5.07 8.78
CA TRP B 104 -22.82 5.06 9.80
C TRP B 104 -23.35 5.03 11.23
N ALA B 105 -24.66 4.78 11.36
CA ALA B 105 -25.28 4.60 12.66
C ALA B 105 -25.50 3.12 12.92
N GLY B 106 -25.37 2.71 14.16
CA GLY B 106 -25.66 1.32 14.50
C GLY B 106 -25.50 1.00 15.96
N VAL B 107 -26.15 -0.07 16.39
CA VAL B 107 -25.96 -0.61 17.73
C VAL B 107 -25.77 -2.11 17.64
N SER B 108 -24.99 -2.66 18.56
CA SER B 108 -24.77 -4.11 18.57
C SER B 108 -24.27 -4.50 19.95
N THR B 109 -23.76 -5.71 20.05
CA THR B 109 -23.14 -6.19 21.28
C THR B 109 -21.86 -6.90 20.91
N TYR B 110 -20.95 -7.04 21.86
CA TYR B 110 -19.67 -7.69 21.59
C TYR B 110 -19.82 -9.13 21.10
N PRO B 111 -20.70 -9.92 21.73
CA PRO B 111 -20.95 -11.28 21.22
C PRO B 111 -21.40 -11.30 19.75
N ARG B 112 -22.27 -10.37 19.37
CA ARG B 112 -22.79 -10.34 18.00
C ARG B 112 -21.70 -10.06 16.98
N LEU B 113 -20.58 -9.50 17.42
CA LEU B 113 -19.44 -9.26 16.53
C LEU B 113 -18.89 -10.58 16.01
N PHE B 114 -19.13 -11.66 16.75
CA PHE B 114 -18.63 -12.97 16.36
C PHE B 114 -19.71 -13.81 15.70
N GLN B 115 -20.69 -13.14 15.09
CA GLN B 115 -21.85 -13.83 14.52
C GLN B 115 -21.49 -14.56 13.24
N GLY B 116 -20.38 -14.16 12.62
CA GLY B 116 -19.98 -14.76 11.35
C GLY B 116 -20.78 -14.18 10.20
N PRO B 117 -20.78 -14.87 9.05
CA PRO B 117 -20.06 -16.13 8.84
C PRO B 117 -18.55 -15.92 8.87
N PRO B 118 -17.80 -16.95 9.28
CA PRO B 118 -16.34 -16.81 9.24
C PRO B 118 -15.89 -16.72 7.78
N SER B 119 -14.80 -16.01 7.54
CA SER B 119 -14.31 -15.84 6.18
C SER B 119 -12.83 -15.53 6.19
N ARG B 120 -12.12 -16.03 5.19
CA ARG B 120 -10.68 -15.80 5.06
C ARG B 120 -10.40 -14.46 4.39
N ASP B 121 -11.45 -13.82 3.88
CA ASP B 121 -11.32 -12.53 3.23
C ASP B 121 -11.95 -11.45 4.11
N LEU B 122 -11.38 -10.27 4.07
CA LEU B 122 -11.98 -9.11 4.73
C LEU B 122 -11.76 -7.87 3.89
N ALA B 123 -12.83 -7.33 3.34
CA ALA B 123 -12.77 -6.09 2.57
C ALA B 123 -13.08 -4.93 3.49
N LEU B 124 -12.12 -4.03 3.68
CA LEU B 124 -12.35 -2.83 4.45
C LEU B 124 -12.34 -1.61 3.54
N ARG B 125 -13.31 -0.73 3.77
CA ARG B 125 -13.25 0.60 3.21
C ARG B 125 -12.83 1.57 4.29
N PHE B 126 -11.78 2.30 3.97
CA PHE B 126 -11.26 3.41 4.76
C PHE B 126 -11.85 4.69 4.19
N ALA B 127 -12.75 5.28 4.96
CA ALA B 127 -13.59 6.39 4.50
C ALA B 127 -13.09 7.75 4.97
N SER B 128 -12.13 7.75 5.90
CA SER B 128 -11.41 8.98 6.23
C SER B 128 -9.93 8.61 6.36
N PRO B 129 -9.04 9.61 6.25
CA PRO B 129 -7.61 9.30 6.25
C PRO B 129 -7.18 8.45 7.45
N THR B 130 -6.45 7.37 7.14
CA THR B 130 -6.09 6.36 8.13
C THR B 130 -4.58 6.25 8.21
N PHE B 131 -4.04 6.37 9.42
CA PHE B 131 -2.61 6.27 9.63
C PHE B 131 -2.27 5.70 11.00
N PHE B 132 -1.00 5.36 11.20
CA PHE B 132 -0.57 4.66 12.39
C PHE B 132 0.65 5.34 12.99
N ARG B 133 0.78 5.29 14.31
CA ARG B 133 1.94 5.83 14.98
C ARG B 133 3.04 4.77 15.00
N ARG B 134 4.17 5.10 14.38
CA ARG B 134 5.24 4.15 14.15
C ARG B 134 6.59 4.83 14.34
N LYS B 135 7.33 4.38 15.36
CA LYS B 135 8.68 4.91 15.61
C LYS B 135 8.71 6.43 15.67
N GLY B 136 7.67 7.02 16.27
CA GLY B 136 7.59 8.45 16.46
C GLY B 136 7.01 9.22 15.28
N VAL B 137 6.80 8.54 14.15
CA VAL B 137 6.26 9.19 12.97
C VAL B 137 4.92 8.56 12.58
N HIS B 138 4.11 9.32 11.84
CA HIS B 138 2.86 8.80 11.30
C HIS B 138 3.09 8.10 9.98
N TYR B 139 2.56 6.88 9.87
CA TYR B 139 2.74 6.02 8.71
C TYR B 139 1.37 5.76 8.08
N PRO B 140 1.22 6.02 6.77
CA PRO B 140 -0.10 6.01 6.14
C PRO B 140 -0.46 4.72 5.38
N VAL B 141 0.36 3.70 5.42
CA VAL B 141 0.10 2.50 4.61
C VAL B 141 -0.70 1.45 5.39
N PRO B 142 -1.86 1.04 4.87
CA PRO B 142 -2.72 0.12 5.63
C PRO B 142 -2.25 -1.35 5.56
N GLU B 143 -1.07 -1.59 6.12
CA GLU B 143 -0.54 -2.94 6.22
C GLU B 143 -1.45 -3.81 7.08
N PRO B 144 -1.64 -5.09 6.69
CA PRO B 144 -2.43 -6.02 7.51
C PRO B 144 -2.04 -6.01 8.99
N ARG B 145 -0.75 -6.11 9.30
CA ARG B 145 -0.31 -6.16 10.69
C ARG B 145 -0.78 -4.94 11.50
N LEU B 146 -0.68 -3.76 10.87
CA LEU B 146 -1.07 -2.51 11.52
C LEU B 146 -2.59 -2.39 11.74
N VAL B 147 -3.33 -2.60 10.65
CA VAL B 147 -4.80 -2.54 10.68
C VAL B 147 -5.36 -3.54 11.71
N LEU B 148 -4.95 -4.79 11.55
CA LEU B 148 -5.47 -5.85 12.41
C LEU B 148 -4.99 -5.75 13.86
N GLU B 149 -3.73 -5.33 14.08
CA GLU B 149 -3.28 -5.10 15.45
C GLU B 149 -4.10 -3.99 16.12
N SER B 150 -4.33 -2.90 15.38
CA SER B 150 -5.14 -1.81 15.92
C SER B 150 -6.51 -2.33 16.38
N LEU B 151 -7.19 -2.98 15.44
CA LEU B 151 -8.52 -3.51 15.76
C LEU B 151 -8.50 -4.51 16.91
N LEU B 152 -7.53 -5.42 16.89
CA LEU B 152 -7.45 -6.46 17.89
C LEU B 152 -7.19 -5.89 19.28
N ARG B 153 -6.26 -4.93 19.34
CA ARG B 153 -5.94 -4.29 20.60
C ARG B 153 -7.20 -3.66 21.19
N ARG B 154 -7.93 -2.89 20.39
CA ARG B 154 -9.14 -2.27 20.92
C ARG B 154 -10.26 -3.27 21.29
N LEU B 155 -10.45 -4.28 20.43
CA LEU B 155 -11.46 -5.31 20.70
C LEU B 155 -11.15 -6.06 21.98
N GLU B 156 -9.87 -6.35 22.20
CA GLU B 156 -9.46 -7.03 23.43
C GLU B 156 -9.53 -6.09 24.64
N ALA B 157 -9.30 -4.80 24.43
CA ALA B 157 -9.43 -3.83 25.50
C ALA B 157 -10.86 -3.76 26.03
N PHE B 158 -11.83 -3.64 25.13
CA PHE B 158 -13.21 -3.38 25.58
C PHE B 158 -14.18 -4.56 25.52
N GLY B 159 -13.78 -5.64 24.86
CA GLY B 159 -14.62 -6.81 24.74
C GLY B 159 -14.33 -7.84 25.82
N PRO B 160 -15.10 -8.94 25.84
CA PRO B 160 -15.01 -10.01 26.84
C PRO B 160 -14.06 -11.13 26.42
N LEU B 161 -13.51 -11.04 25.22
CA LEU B 161 -12.70 -12.12 24.65
C LEU B 161 -11.32 -11.68 24.24
N LYS B 162 -10.39 -12.62 24.29
CA LYS B 162 -9.05 -12.40 23.80
C LYS B 162 -8.60 -13.51 22.90
N ALA B 163 -7.99 -13.11 21.79
CA ALA B 163 -7.59 -14.06 20.78
C ALA B 163 -6.51 -14.95 21.34
N PRO B 164 -6.64 -16.27 21.13
CA PRO B 164 -5.51 -17.14 21.46
C PRO B 164 -4.26 -16.65 20.73
N GLU B 165 -3.09 -16.86 21.32
CA GLU B 165 -1.85 -16.29 20.80
C GLU B 165 -1.58 -16.71 19.35
N GLY B 166 -1.85 -17.97 19.02
CA GLY B 166 -1.66 -18.47 17.68
C GLY B 166 -2.56 -17.79 16.65
N VAL B 167 -3.76 -17.44 17.09
CA VAL B 167 -4.72 -16.71 16.25
C VAL B 167 -4.19 -15.31 15.97
N ARG B 168 -3.79 -14.60 17.04
CA ARG B 168 -3.15 -13.30 16.90
C ARG B 168 -2.01 -13.38 15.90
N GLU B 169 -1.15 -14.38 16.10
CA GLU B 169 0.00 -14.57 15.24
C GLU B 169 -0.39 -14.76 13.77
N ALA B 170 -1.35 -15.65 13.51
CA ALA B 170 -1.86 -15.84 12.16
C ALA B 170 -2.36 -14.52 11.57
N LEU B 171 -3.21 -13.83 12.32
CA LEU B 171 -3.81 -12.59 11.85
C LEU B 171 -2.77 -11.54 11.48
N LEU B 172 -1.80 -11.33 12.36
CA LEU B 172 -0.81 -10.28 12.13
C LEU B 172 0.24 -10.64 11.10
N GLU B 173 0.76 -11.88 11.16
CA GLU B 173 1.90 -12.27 10.33
C GLU B 173 1.54 -12.85 8.96
N ARG B 174 0.42 -13.59 8.89
CA ARG B 174 0.07 -14.30 7.65
C ARG B 174 -0.84 -13.56 6.71
N THR B 175 -1.68 -12.69 7.25
CA THR B 175 -2.66 -12.01 6.42
C THR B 175 -1.93 -11.23 5.34
N THR B 176 -2.34 -11.44 4.11
CA THR B 176 -1.80 -10.71 2.97
C THR B 176 -2.89 -9.80 2.42
N VAL B 177 -2.58 -9.13 1.32
CA VAL B 177 -3.52 -8.25 0.66
C VAL B 177 -3.84 -8.81 -0.71
N ARG B 178 -5.13 -9.00 -0.97
CA ARG B 178 -5.57 -9.51 -2.26
C ARG B 178 -5.71 -8.38 -3.26
N SER B 179 -6.20 -7.23 -2.81
CA SER B 179 -6.35 -6.07 -3.65
C SER B 179 -6.35 -4.80 -2.83
N LEU B 180 -5.87 -3.73 -3.45
CA LEU B 180 -5.80 -2.42 -2.81
C LEU B 180 -6.11 -1.37 -3.84
N GLU B 181 -6.91 -0.39 -3.46
CA GLU B 181 -7.20 0.74 -4.33
C GLU B 181 -7.42 1.99 -3.50
N GLY B 182 -6.60 3.01 -3.72
CA GLY B 182 -6.79 4.25 -3.00
C GLY B 182 -5.62 5.20 -3.04
N ARG B 183 -5.62 6.14 -2.11
CA ARG B 183 -4.59 7.15 -2.08
C ARG B 183 -4.50 7.77 -0.70
N THR B 184 -3.36 8.41 -0.42
CA THR B 184 -3.17 9.11 0.84
C THR B 184 -3.60 10.57 0.71
N LEU B 185 -4.27 11.08 1.74
CA LEU B 185 -4.72 12.46 1.78
C LEU B 185 -4.17 13.15 3.03
N PRO B 186 -3.95 14.47 2.97
CA PRO B 186 -3.42 15.18 4.13
C PRO B 186 -4.31 15.05 5.36
N ALA B 187 -3.68 14.88 6.53
CA ALA B 187 -4.39 14.97 7.80
C ALA B 187 -4.26 16.40 8.30
N ARG B 188 -5.28 17.21 8.03
CA ARG B 188 -5.18 18.67 8.17
C ARG B 188 -4.91 19.17 9.58
N THR B 189 -5.20 18.36 10.59
CA THR B 189 -4.96 18.76 11.98
C THR B 189 -3.51 18.52 12.37
N GLU B 190 -2.78 17.81 11.51
CA GLU B 190 -1.47 17.31 11.87
C GLU B 190 -0.36 18.03 11.13
N VAL B 191 0.86 17.82 11.63
CA VAL B 191 2.06 18.21 10.93
C VAL B 191 2.59 17.00 10.16
N ASP B 192 2.79 17.19 8.87
CA ASP B 192 3.60 16.25 8.09
C ASP B 192 3.00 14.86 8.10
N THR B 193 1.67 14.79 8.07
CA THR B 193 0.96 13.51 8.14
C THR B 193 -0.08 13.38 7.02
N ALA B 194 -0.07 12.22 6.38
CA ALA B 194 -1.10 11.86 5.42
C ALA B 194 -1.75 10.56 5.89
N GLY B 195 -2.92 10.25 5.34
CA GLY B 195 -3.63 9.03 5.71
C GLY B 195 -4.30 8.38 4.52
N PHE B 196 -4.37 7.05 4.54
CA PHE B 196 -4.95 6.29 3.45
C PHE B 196 -6.46 6.40 3.40
N VAL B 197 -6.99 6.59 2.20
CA VAL B 197 -8.41 6.50 1.94
C VAL B 197 -8.61 5.60 0.73
N GLY B 198 -9.58 4.70 0.85
CA GLY B 198 -9.84 3.75 -0.22
C GLY B 198 -10.28 2.39 0.27
N ARG B 199 -9.98 1.36 -0.51
CA ARG B 199 -10.46 0.00 -0.23
C ARG B 199 -9.29 -1.00 -0.23
N VAL B 200 -9.29 -1.87 0.76
CA VAL B 200 -8.30 -2.96 0.82
C VAL B 200 -8.98 -4.28 1.15
N VAL B 201 -8.68 -5.30 0.36
CA VAL B 201 -9.18 -6.65 0.63
C VAL B 201 -8.05 -7.48 1.20
N TYR B 202 -8.19 -7.82 2.47
CA TYR B 202 -7.23 -8.66 3.20
C TYR B 202 -7.62 -10.12 3.05
N HIS B 203 -6.62 -10.99 3.03
CA HIS B 203 -6.86 -12.43 2.89
C HIS B 203 -5.92 -13.19 3.81
N LEU B 204 -6.47 -14.12 4.58
CA LEU B 204 -5.67 -14.97 5.46
C LEU B 204 -5.64 -16.41 4.92
N PRO B 205 -4.57 -16.77 4.22
CA PRO B 205 -4.49 -18.12 3.63
C PRO B 205 -4.62 -19.23 4.66
N ARG B 206 -5.45 -20.23 4.36
CA ARG B 206 -5.60 -21.42 5.18
C ARG B 206 -6.02 -21.09 6.60
N ALA B 207 -6.78 -20.01 6.76
CA ALA B 207 -7.27 -19.64 8.08
C ALA B 207 -8.11 -20.78 8.63
N THR B 208 -7.86 -21.13 9.90
CA THR B 208 -8.72 -22.07 10.59
C THR B 208 -10.09 -21.41 10.78
N GLU B 209 -11.08 -22.18 11.21
CA GLU B 209 -12.40 -21.62 11.45
C GLU B 209 -12.32 -20.49 12.49
N GLU B 210 -11.54 -20.72 13.55
CA GLU B 210 -11.41 -19.74 14.62
C GLU B 210 -10.76 -18.45 14.12
N GLU B 211 -9.67 -18.59 13.37
CA GLU B 211 -8.97 -17.46 12.80
C GLU B 211 -9.88 -16.64 11.88
N ALA B 212 -10.64 -17.35 11.04
CA ALA B 212 -11.57 -16.71 10.12
C ALA B 212 -12.68 -15.98 10.92
N LEU B 213 -13.14 -16.62 11.99
CA LEU B 213 -14.13 -15.98 12.85
C LEU B 213 -13.60 -14.68 13.44
N TRP B 214 -12.38 -14.74 13.99
CA TRP B 214 -11.75 -13.54 14.53
C TRP B 214 -11.57 -12.45 13.48
N LEU B 215 -11.14 -12.83 12.27
CA LEU B 215 -11.01 -11.85 11.19
C LEU B 215 -12.34 -11.14 10.91
N SER B 216 -13.40 -11.93 10.80
CA SER B 216 -14.72 -11.33 10.55
C SER B 216 -15.18 -10.43 11.71
N ALA B 217 -14.89 -10.84 12.94
CA ALA B 217 -15.22 -10.02 14.11
C ALA B 217 -14.45 -8.69 14.14
N LEU B 218 -13.16 -8.73 13.81
CA LEU B 218 -12.40 -7.48 13.71
C LEU B 218 -13.01 -6.58 12.63
N GLY B 219 -13.38 -7.19 11.52
CA GLY B 219 -14.08 -6.46 10.47
C GLY B 219 -15.34 -5.77 10.97
N ARG B 220 -16.19 -6.49 11.68
CA ARG B 220 -17.40 -5.88 12.23
C ARG B 220 -17.12 -4.81 13.28
N PHE B 221 -16.10 -5.02 14.10
CA PHE B 221 -15.73 -4.06 15.14
C PHE B 221 -15.22 -2.73 14.56
N ALA B 222 -14.53 -2.81 13.42
CA ALA B 222 -14.03 -1.60 12.74
C ALA B 222 -15.08 -0.47 12.58
N PHE B 223 -16.32 -0.85 12.27
CA PHE B 223 -17.42 0.11 12.11
C PHE B 223 -17.53 1.03 13.33
N TYR B 224 -17.23 0.47 14.49
CA TYR B 224 -17.38 1.19 15.74
C TYR B 224 -16.07 1.81 16.21
N SER B 225 -14.98 1.07 16.14
CA SER B 225 -13.73 1.55 16.72
C SER B 225 -12.95 2.49 15.81
N GLY B 226 -13.05 2.26 14.51
CA GLY B 226 -12.15 2.90 13.57
C GLY B 226 -10.81 2.20 13.62
N VAL B 227 -9.87 2.67 12.81
CA VAL B 227 -8.58 2.00 12.63
C VAL B 227 -7.43 3.00 12.75
N GLY B 228 -6.42 2.64 13.54
CA GLY B 228 -5.21 3.44 13.61
C GLY B 228 -5.29 4.61 14.57
N ALA B 229 -4.46 5.62 14.33
CA ALA B 229 -4.28 6.72 15.27
C ALA B 229 -5.30 7.84 15.13
N LYS B 230 -5.52 8.53 16.25
CA LYS B 230 -6.30 9.76 16.28
C LYS B 230 -7.72 9.60 15.76
N THR B 231 -8.33 8.48 16.13
CA THR B 231 -9.74 8.25 15.84
C THR B 231 -10.60 9.25 16.59
N SER B 232 -10.03 9.90 17.61
CA SER B 232 -10.76 10.91 18.37
C SER B 232 -10.92 12.19 17.54
N LEU B 233 -10.16 12.31 16.46
CA LEU B 233 -10.28 13.47 15.56
C LEU B 233 -11.00 13.12 14.25
N GLY B 234 -11.56 11.91 14.16
CA GLY B 234 -12.32 11.53 12.98
C GLY B 234 -11.53 10.74 11.95
N TYR B 235 -10.25 10.52 12.22
CA TYR B 235 -9.42 9.72 11.32
C TYR B 235 -9.73 8.24 11.48
N GLY B 236 -9.34 7.45 10.49
CA GLY B 236 -9.48 6.01 10.58
C GLY B 236 -10.90 5.50 10.59
N ARG B 237 -11.86 6.29 10.11
CA ARG B 237 -13.23 5.83 10.01
C ARG B 237 -13.29 4.77 8.91
N ALA B 238 -13.81 3.60 9.24
CA ALA B 238 -13.76 2.47 8.32
C ALA B 238 -14.90 1.49 8.55
N ARG B 239 -15.18 0.70 7.52
CA ARG B 239 -16.20 -0.36 7.67
C ARG B 239 -15.92 -1.52 6.75
N ALA B 240 -16.41 -2.70 7.12
CA ALA B 240 -16.27 -3.89 6.29
C ALA B 240 -17.31 -3.88 5.18
N GLU B 241 -16.92 -4.36 4.00
CA GLU B 241 -17.79 -4.38 2.82
C GLU B 241 -17.93 -5.79 2.25
#